data_4NML
#
_entry.id   4NML
#
_cell.length_a   95.590
_cell.length_b   95.590
_cell.length_c   112.694
_cell.angle_alpha   90.00
_cell.angle_beta   90.00
_cell.angle_gamma   90.00
#
_symmetry.space_group_name_H-M   'P 41 2 2'
#
loop_
_entity.id
_entity.type
_entity.pdbx_description
1 polymer 'Ribulose 5-phosphate isomerase'
2 non-polymer 'CHLORIDE ION'
3 non-polymer D-MALATE
4 water water
#
_entity_poly.entity_id   1
_entity_poly.type   'polypeptide(L)'
_entity_poly.pdbx_seq_one_letter_code
;(MSE)NPQDKAKQAVGYFAVDTYVRSG(MSE)KVGLGTGTTAKFVVERIGQR(MSE)QEGSLKDLLCVPTSEATRKQAES
LGIPLTTLDGIAD(CME)LDVAIDGADEILPPTLGLVKGRGGALLREK(MSE)IAAAAKTFIVAADETKLVSNGIGSTGA
LPVEVVVFSGSHTKRLLSALPSVKRHGGRAEFRKRAGAATGEKNGGQEDIREEDRFVTDNGNYIVDLYFTETVPDLHE
(MSE)DKELKSIPGVVETGFFLDLASVCLIGKADGSVATLTAERKGENLYFQSAGHHHHHH
;
_entity_poly.pdbx_strand_id   A
#
loop_
_chem_comp.id
_chem_comp.type
_chem_comp.name
_chem_comp.formula
CL non-polymer 'CHLORIDE ION' 'Cl -1'
MLT non-polymer D-MALATE 'C4 H6 O5'
#
# COMPACT_ATOMS: atom_id res chain seq x y z
N MSE A 1 2.81 -2.42 23.87
CA MSE A 1 3.02 -2.89 22.48
C MSE A 1 4.50 -3.02 22.22
O MSE A 1 5.31 -2.41 22.92
CB MSE A 1 2.33 -1.95 21.48
CG MSE A 1 2.36 -0.48 21.88
SE MSE A 1 1.62 0.65 20.44
CE MSE A 1 -0.17 -0.18 20.32
N ASN A 2 4.88 -3.83 21.23
CA ASN A 2 6.29 -4.03 20.95
C ASN A 2 6.95 -2.79 20.32
N PRO A 3 8.29 -2.77 20.26
CA PRO A 3 8.92 -1.58 19.70
C PRO A 3 8.43 -1.23 18.30
N GLN A 4 8.23 -2.24 17.45
CA GLN A 4 7.79 -1.94 16.08
C GLN A 4 6.40 -1.29 16.07
N ASP A 5 5.50 -1.76 16.93
CA ASP A 5 4.19 -1.15 16.97
C ASP A 5 4.18 0.25 17.58
N LYS A 6 5.08 0.54 18.51
CA LYS A 6 5.12 1.90 19.04
C LYS A 6 5.59 2.81 17.90
N ALA A 7 6.42 2.29 17.02
CA ALA A 7 6.93 3.07 15.90
C ALA A 7 5.81 3.28 14.90
N LYS A 8 5.11 2.20 14.54
CA LYS A 8 3.97 2.35 13.64
C LYS A 8 2.94 3.34 14.24
N GLN A 9 2.68 3.26 15.54
CA GLN A 9 1.75 4.19 16.17
C GLN A 9 2.22 5.64 16.10
N ALA A 10 3.46 5.87 16.46
CA ALA A 10 3.99 7.22 16.49
C ALA A 10 3.94 7.87 15.13
N VAL A 11 4.25 7.10 14.09
CA VAL A 11 4.27 7.66 12.75
C VAL A 11 2.85 7.85 12.18
N GLY A 12 1.92 6.94 12.47
CA GLY A 12 0.53 7.14 12.05
C GLY A 12 -0.09 8.39 12.68
N TYR A 13 0.04 8.51 14.00
CA TYR A 13 -0.47 9.68 14.74
C TYR A 13 0.17 10.97 14.22
N PHE A 14 1.47 10.92 13.97
CA PHE A 14 2.19 12.08 13.47
C PHE A 14 1.63 12.56 12.14
N ALA A 15 1.44 11.62 11.23
CA ALA A 15 0.90 11.91 9.90
C ALA A 15 -0.44 12.62 9.97
N VAL A 16 -1.30 12.12 10.84
CA VAL A 16 -2.64 12.67 11.01
C VAL A 16 -2.54 14.03 11.69
N ASP A 17 -1.73 14.13 12.72
CA ASP A 17 -1.59 15.40 13.44
C ASP A 17 -0.98 16.50 12.57
N THR A 18 0.00 16.14 11.75
CA THR A 18 0.71 17.14 10.96
C THR A 18 0.03 17.52 9.65
N TYR A 19 -0.57 16.57 8.94
CA TYR A 19 -1.11 16.84 7.61
C TYR A 19 -2.62 16.91 7.45
N VAL A 20 -3.39 16.41 8.43
CA VAL A 20 -4.86 16.38 8.34
C VAL A 20 -5.56 17.51 9.09
N ARG A 21 -6.50 18.16 8.42
N ARG A 21 -6.46 18.20 8.39
CA ARG A 21 -7.22 19.29 8.98
CA ARG A 21 -7.21 19.35 8.91
C ARG A 21 -8.70 19.18 8.62
C ARG A 21 -8.70 19.20 8.59
N SER A 22 -9.54 19.90 9.35
CA SER A 22 -10.98 19.90 9.10
C SER A 22 -11.30 20.30 7.67
N GLY A 23 -12.39 19.76 7.13
CA GLY A 23 -12.82 20.07 5.78
C GLY A 23 -12.04 19.39 4.67
N MSE A 24 -11.11 18.51 5.02
CA MSE A 24 -10.34 17.88 3.99
C MSE A 24 -10.99 16.63 3.52
O MSE A 24 -11.80 16.01 4.23
CB MSE A 24 -8.96 17.52 4.49
CG MSE A 24 -7.97 18.68 4.48
SE MSE A 24 -6.22 17.89 4.96
CE MSE A 24 -5.01 19.33 4.36
N LYS A 25 -10.65 16.25 2.29
CA LYS A 25 -11.02 14.98 1.70
C LYS A 25 -9.73 14.15 1.82
N VAL A 26 -9.83 13.05 2.55
CA VAL A 26 -8.69 12.24 2.91
C VAL A 26 -8.75 10.79 2.47
N GLY A 27 -7.66 10.32 1.87
CA GLY A 27 -7.56 8.92 1.48
C GLY A 27 -6.98 8.16 2.65
N LEU A 28 -7.55 7.00 2.94
CA LEU A 28 -7.13 6.16 4.04
C LEU A 28 -6.56 4.84 3.57
N GLY A 29 -5.33 4.59 3.97
CA GLY A 29 -4.62 3.37 3.61
C GLY A 29 -5.13 2.11 4.25
N THR A 30 -4.34 1.06 4.12
CA THR A 30 -4.63 -0.26 4.53
C THR A 30 -3.38 -0.86 5.14
N GLY A 31 -3.54 -1.53 6.27
CA GLY A 31 -2.44 -2.20 6.94
C GLY A 31 -2.30 -1.83 8.39
N THR A 32 -1.29 -2.41 9.04
CA THR A 32 -1.11 -2.21 10.47
C THR A 32 -0.68 -0.78 10.81
N THR A 33 -0.08 -0.06 9.87
CA THR A 33 0.32 1.32 10.16
C THR A 33 -0.87 2.22 9.91
N ALA A 34 -1.53 2.06 8.75
CA ALA A 34 -2.76 2.81 8.45
C ALA A 34 -3.79 2.62 9.56
N LYS A 35 -3.80 1.46 10.22
CA LYS A 35 -4.70 1.29 11.33
C LYS A 35 -4.51 2.46 12.30
N PHE A 36 -3.27 2.80 12.64
CA PHE A 36 -3.06 3.88 13.58
C PHE A 36 -3.46 5.25 13.04
N VAL A 37 -3.40 5.43 11.72
CA VAL A 37 -3.84 6.69 11.08
C VAL A 37 -5.36 6.85 11.24
N VAL A 38 -6.08 5.77 10.93
CA VAL A 38 -7.53 5.77 11.07
C VAL A 38 -7.91 6.03 12.53
N GLU A 39 -7.26 5.27 13.42
CA GLU A 39 -7.45 5.38 14.87
C GLU A 39 -7.21 6.80 15.35
N ARG A 40 -6.22 7.50 14.79
CA ARG A 40 -5.96 8.86 15.24
C ARG A 40 -7.03 9.83 14.76
N ILE A 41 -7.54 9.63 13.54
CA ILE A 41 -8.58 10.50 13.02
C ILE A 41 -9.82 10.33 13.90
N GLY A 42 -10.11 9.08 14.26
CA GLY A 42 -11.21 8.78 15.16
C GLY A 42 -11.07 9.51 16.49
N GLN A 43 -9.85 9.58 17.03
CA GLN A 43 -9.61 10.27 18.28
C GLN A 43 -9.79 11.77 18.15
N ARG A 44 -9.22 12.37 17.11
CA ARG A 44 -9.35 13.83 16.94
C ARG A 44 -10.80 14.27 16.72
N MSE A 45 -11.62 13.39 16.15
CA MSE A 45 -13.03 13.67 15.90
C MSE A 45 -13.76 13.78 17.22
O MSE A 45 -14.45 14.77 17.49
CB MSE A 45 -13.63 12.58 15.02
CG MSE A 45 -13.31 12.91 13.57
SE MSE A 45 -14.23 11.74 12.27
CE MSE A 45 -15.92 12.77 12.21
N GLN A 46 -13.62 12.75 18.02
CA GLN A 46 -14.19 12.69 19.34
C GLN A 46 -13.66 13.80 20.27
N GLU A 47 -12.42 14.25 20.07
CA GLU A 47 -11.83 15.34 20.86
C GLU A 47 -12.26 16.74 20.37
N GLY A 48 -12.91 16.80 19.20
CA GLY A 48 -13.43 18.06 18.64
C GLY A 48 -12.51 18.89 17.75
N SER A 49 -11.31 18.37 17.45
CA SER A 49 -10.32 19.11 16.62
C SER A 49 -10.32 18.71 15.17
N LEU A 50 -11.25 17.84 14.75
CA LEU A 50 -11.33 17.43 13.35
C LEU A 50 -12.79 17.27 12.99
N LYS A 51 -13.27 18.09 12.07
CA LYS A 51 -14.66 18.07 11.63
C LYS A 51 -14.80 18.17 10.12
N ASP A 52 -16.03 17.96 9.62
CA ASP A 52 -16.37 18.08 8.20
C ASP A 52 -15.41 17.34 7.33
N LEU A 53 -15.11 16.11 7.72
CA LEU A 53 -14.12 15.30 7.04
C LEU A 53 -14.73 14.24 6.13
N LEU A 54 -14.23 14.14 4.91
CA LEU A 54 -14.69 13.11 3.97
C LEU A 54 -13.53 12.20 3.66
N CYS A 55 -13.68 10.91 3.96
CA CYS A 55 -12.63 9.95 3.75
C CYS A 55 -12.99 8.85 2.78
N VAL A 56 -11.95 8.37 2.08
CA VAL A 56 -12.06 7.34 1.09
C VAL A 56 -11.14 6.17 1.46
N PRO A 57 -11.71 5.02 1.78
CA PRO A 57 -10.93 3.87 2.17
C PRO A 57 -10.45 3.04 0.98
N THR A 58 -9.25 2.48 1.13
CA THR A 58 -8.59 1.67 0.14
C THR A 58 -8.85 0.19 0.24
N SER A 59 -9.66 -0.22 1.21
CA SER A 59 -9.98 -1.64 1.38
C SER A 59 -11.21 -1.73 2.21
N GLU A 60 -11.88 -2.87 2.13
N GLU A 60 -11.90 -2.87 2.15
CA GLU A 60 -13.10 -3.07 2.87
CA GLU A 60 -13.10 -3.05 2.95
C GLU A 60 -12.78 -3.23 4.38
C GLU A 60 -12.71 -3.08 4.41
N ALA A 61 -11.59 -3.73 4.70
CA ALA A 61 -11.09 -3.84 6.08
C ALA A 61 -10.90 -2.45 6.66
N THR A 62 -10.38 -1.54 5.84
CA THR A 62 -10.24 -0.16 6.27
C THR A 62 -11.60 0.55 6.46
N ARG A 63 -12.59 0.33 5.58
N ARG A 63 -12.59 0.32 5.61
CA ARG A 63 -13.90 0.97 5.78
CA ARG A 63 -13.87 1.04 5.83
C ARG A 63 -14.52 0.47 7.08
C ARG A 63 -14.55 0.47 7.08
N LYS A 64 -14.43 -0.84 7.30
CA LYS A 64 -14.98 -1.49 8.47
C LYS A 64 -14.35 -0.90 9.73
N GLN A 65 -13.05 -0.64 9.72
CA GLN A 65 -12.42 -0.03 10.89
C GLN A 65 -12.94 1.40 11.05
N ALA A 66 -12.89 2.19 10.00
CA ALA A 66 -13.36 3.57 10.07
C ALA A 66 -14.88 3.71 10.35
N GLU A 67 -15.66 2.71 9.95
CA GLU A 67 -17.11 2.72 10.12
C GLU A 67 -17.31 2.59 11.61
N SER A 68 -16.72 1.56 12.20
CA SER A 68 -16.79 1.34 13.64
C SER A 68 -16.31 2.54 14.47
N LEU A 69 -15.67 3.55 13.88
CA LEU A 69 -15.25 4.77 14.61
C LEU A 69 -15.99 6.06 14.17
N GLY A 70 -17.05 5.92 13.38
CA GLY A 70 -17.85 7.07 12.92
C GLY A 70 -17.21 8.05 11.94
N ILE A 71 -16.25 7.57 11.16
CA ILE A 71 -15.57 8.42 10.18
C ILE A 71 -16.39 8.39 8.90
N PRO A 72 -16.71 9.56 8.33
CA PRO A 72 -17.52 9.59 7.09
C PRO A 72 -16.78 8.97 5.92
N LEU A 73 -17.47 8.18 5.13
CA LEU A 73 -16.86 7.42 4.04
C LEU A 73 -17.59 7.51 2.70
N THR A 74 -16.80 7.50 1.64
CA THR A 74 -17.33 7.54 0.29
C THR A 74 -16.25 6.94 -0.62
N THR A 75 -16.46 7.03 -1.92
CA THR A 75 -15.52 6.55 -2.90
C THR A 75 -15.08 7.75 -3.71
N LEU A 76 -14.16 7.57 -4.64
CA LEU A 76 -13.72 8.69 -5.44
C LEU A 76 -14.83 9.22 -6.34
N ASP A 77 -15.87 8.42 -6.55
CA ASP A 77 -17.06 8.85 -7.31
C ASP A 77 -17.79 9.97 -6.60
N GLY A 78 -17.71 10.01 -5.28
CA GLY A 78 -18.45 11.00 -4.49
C GLY A 78 -17.69 12.24 -4.11
N ILE A 79 -16.49 12.37 -4.68
CA ILE A 79 -15.55 13.48 -4.48
C ILE A 79 -15.59 14.24 -5.79
N ALA A 80 -15.66 15.56 -5.75
CA ALA A 80 -15.69 16.36 -6.98
C ALA A 80 -14.27 16.70 -7.45
N ASP A 81 -13.45 17.21 -6.55
CA ASP A 81 -12.11 17.62 -6.92
C ASP A 81 -11.16 16.45 -6.62
N CME A 82 -10.01 16.73 -6.04
CA CME A 82 -9.07 15.70 -5.73
CB CME A 82 -7.68 16.23 -6.06
SG CME A 82 -7.43 16.35 -7.80
SD CME A 82 -5.43 16.16 -8.00
CE CME A 82 -5.33 14.69 -8.99
CZ CME A 82 -3.98 14.62 -9.68
OH CME A 82 -2.97 15.00 -8.73
C CME A 82 -9.08 15.55 -4.27
O CME A 82 -9.55 16.41 -3.55
N LEU A 83 -8.58 14.43 -3.79
CA LEU A 83 -8.33 14.30 -2.37
C LEU A 83 -7.22 15.32 -2.03
N ASP A 84 -7.30 15.95 -0.88
CA ASP A 84 -6.23 16.88 -0.47
C ASP A 84 -5.04 16.07 -0.06
N VAL A 85 -5.31 14.94 0.55
CA VAL A 85 -4.25 14.10 1.10
C VAL A 85 -4.66 12.65 1.13
N ALA A 86 -3.69 11.78 0.94
CA ALA A 86 -3.90 10.35 1.08
C ALA A 86 -2.77 9.85 1.94
N ILE A 87 -3.08 9.03 2.93
CA ILE A 87 -2.07 8.50 3.86
C ILE A 87 -2.13 6.98 3.86
N ASP A 88 -0.98 6.33 3.69
CA ASP A 88 -0.93 4.87 3.61
C ASP A 88 0.47 4.45 4.04
N GLY A 89 0.64 3.17 4.28
CA GLY A 89 1.94 2.65 4.59
C GLY A 89 2.60 2.14 3.32
N ALA A 90 3.70 1.42 3.51
CA ALA A 90 4.44 0.82 2.44
C ALA A 90 5.18 -0.39 2.93
N ASP A 91 5.50 -1.29 2.02
CA ASP A 91 6.22 -2.51 2.37
C ASP A 91 7.72 -2.30 2.18
N GLU A 92 8.09 -1.48 1.20
CA GLU A 92 9.46 -1.13 0.92
C GLU A 92 9.49 0.30 0.43
N ILE A 93 10.49 1.05 0.87
CA ILE A 93 10.64 2.43 0.49
C ILE A 93 12.07 2.65 0.07
N LEU A 94 12.24 3.12 -1.15
CA LEU A 94 13.54 3.31 -1.73
C LEU A 94 13.85 4.78 -1.91
N PRO A 95 14.55 5.36 -0.91
CA PRO A 95 14.95 6.72 -1.06
C PRO A 95 16.16 6.73 -2.04
N PRO A 96 16.38 7.84 -2.74
CA PRO A 96 15.76 9.12 -2.73
C PRO A 96 14.66 9.37 -3.75
N THR A 97 14.30 8.39 -4.57
CA THR A 97 13.21 8.62 -5.50
C THR A 97 11.87 8.43 -4.82
N LEU A 98 11.88 7.71 -3.70
CA LEU A 98 10.66 7.37 -2.95
C LEU A 98 9.76 6.42 -3.74
N GLY A 99 10.40 5.54 -4.50
CA GLY A 99 9.71 4.46 -5.15
C GLY A 99 9.33 3.51 -4.02
N LEU A 100 8.14 2.91 -4.12
CA LEU A 100 7.66 2.01 -3.10
C LEU A 100 7.29 0.68 -3.65
N VAL A 101 7.20 -0.27 -2.73
CA VAL A 101 6.57 -1.54 -3.01
C VAL A 101 5.44 -1.60 -2.00
N LYS A 102 4.25 -1.89 -2.51
CA LYS A 102 3.06 -1.98 -1.71
C LYS A 102 2.28 -3.20 -2.16
N GLY A 103 1.23 -3.54 -1.40
CA GLY A 103 0.40 -4.64 -1.78
C GLY A 103 0.53 -5.90 -0.97
N ARG A 104 1.43 -5.95 -0.01
CA ARG A 104 1.53 -7.16 0.82
C ARG A 104 0.34 -7.46 1.71
N GLY A 105 -0.57 -6.49 1.87
CA GLY A 105 -1.83 -6.71 2.59
C GLY A 105 -2.99 -6.90 1.58
N GLY A 106 -2.69 -6.93 0.28
CA GLY A 106 -3.70 -7.25 -0.73
C GLY A 106 -4.48 -6.13 -1.41
N ALA A 107 -4.29 -4.90 -0.94
CA ALA A 107 -5.02 -3.73 -1.41
C ALA A 107 -4.33 -2.83 -2.44
N LEU A 108 -3.35 -3.32 -3.17
CA LEU A 108 -2.62 -2.44 -4.08
C LEU A 108 -3.44 -1.60 -5.06
N LEU A 109 -4.47 -2.16 -5.67
CA LEU A 109 -5.20 -1.41 -6.68
C LEU A 109 -5.83 -0.15 -6.16
N ARG A 110 -6.65 -0.25 -5.15
CA ARG A 110 -7.32 0.94 -4.71
C ARG A 110 -6.39 1.90 -4.03
N GLU A 111 -5.37 1.36 -3.38
CA GLU A 111 -4.33 2.20 -2.77
C GLU A 111 -3.66 3.07 -3.84
N LYS A 112 -3.49 2.52 -5.03
CA LYS A 112 -2.86 3.26 -6.10
C LYS A 112 -3.87 4.23 -6.70
N MSE A 113 -5.12 3.81 -6.87
CA MSE A 113 -6.16 4.75 -7.36
C MSE A 113 -6.29 5.96 -6.44
O MSE A 113 -6.34 7.10 -6.88
CB MSE A 113 -7.48 4.03 -7.46
CG MSE A 113 -7.47 2.94 -8.55
SE MSE A 113 -9.08 1.81 -8.49
CE MSE A 113 -10.27 3.21 -9.20
N ILE A 114 -6.33 5.71 -5.13
CA ILE A 114 -6.45 6.77 -4.16
C ILE A 114 -5.20 7.65 -4.13
N ALA A 115 -4.04 7.04 -4.22
CA ALA A 115 -2.78 7.79 -4.20
C ALA A 115 -2.70 8.72 -5.39
N ALA A 116 -3.02 8.22 -6.57
CA ALA A 116 -2.98 9.04 -7.78
C ALA A 116 -4.00 10.17 -7.77
N ALA A 117 -5.04 10.06 -6.96
CA ALA A 117 -6.11 11.11 -6.90
C ALA A 117 -5.86 12.15 -5.85
N ALA A 118 -4.76 12.05 -5.14
CA ALA A 118 -4.42 12.97 -4.08
C ALA A 118 -3.40 14.04 -4.47
N LYS A 119 -3.62 15.27 -4.00
CA LYS A 119 -2.67 16.33 -4.23
C LYS A 119 -1.36 16.00 -3.51
N THR A 120 -1.45 15.40 -2.32
CA THR A 120 -0.28 15.01 -1.57
C THR A 120 -0.43 13.57 -1.09
N PHE A 121 0.45 12.69 -1.52
CA PHE A 121 0.38 11.30 -1.10
C PHE A 121 1.48 11.08 -0.07
N ILE A 122 1.06 10.70 1.12
CA ILE A 122 1.94 10.54 2.26
C ILE A 122 2.08 9.11 2.72
N VAL A 123 3.32 8.66 2.82
CA VAL A 123 3.60 7.32 3.29
C VAL A 123 4.08 7.38 4.74
N ALA A 124 3.54 6.52 5.58
CA ALA A 124 3.94 6.46 6.98
C ALA A 124 4.43 5.04 7.21
N ALA A 125 5.66 4.95 7.68
CA ALA A 125 6.25 3.66 7.91
C ALA A 125 7.22 3.68 9.05
N ASP A 126 7.55 2.50 9.52
CA ASP A 126 8.58 2.37 10.51
C ASP A 126 9.88 2.17 9.73
N GLU A 127 10.95 2.28 10.45
CA GLU A 127 12.33 2.17 9.97
C GLU A 127 12.67 0.93 9.14
N THR A 128 12.05 -0.22 9.42
CA THR A 128 12.35 -1.46 8.69
C THR A 128 11.85 -1.47 7.25
N LYS A 129 11.08 -0.46 6.85
CA LYS A 129 10.58 -0.40 5.49
C LYS A 129 11.60 0.24 4.54
N LEU A 130 12.65 0.87 5.05
CA LEU A 130 13.64 1.50 4.19
C LEU A 130 14.61 0.49 3.62
N VAL A 131 14.84 0.56 2.31
CA VAL A 131 15.78 -0.31 1.65
C VAL A 131 16.79 0.51 0.86
N SER A 132 17.86 -0.13 0.40
CA SER A 132 18.90 0.51 -0.41
C SER A 132 19.15 -0.27 -1.68
N ASN A 133 19.56 0.47 -2.70
CA ASN A 133 19.94 -0.09 -4.00
C ASN A 133 18.85 -0.71 -4.83
N GLY A 134 17.76 -1.12 -4.20
CA GLY A 134 16.66 -1.72 -4.93
C GLY A 134 15.70 -2.45 -4.03
N ILE A 135 14.75 -3.11 -4.68
CA ILE A 135 13.66 -3.72 -3.96
C ILE A 135 13.75 -5.24 -4.00
N GLY A 136 13.07 -5.86 -3.05
CA GLY A 136 13.00 -7.33 -3.00
C GLY A 136 13.71 -7.98 -1.85
N SER A 137 14.40 -7.21 -1.01
CA SER A 137 15.14 -7.78 0.13
C SER A 137 14.25 -8.15 1.31
N THR A 138 13.13 -7.46 1.50
CA THR A 138 12.25 -7.78 2.64
C THR A 138 11.09 -8.71 2.30
N GLY A 139 10.86 -8.98 1.00
CA GLY A 139 9.75 -9.84 0.61
C GLY A 139 9.32 -9.69 -0.85
N ALA A 140 8.05 -9.96 -1.10
CA ALA A 140 7.54 -10.01 -2.44
C ALA A 140 7.09 -8.73 -3.07
N LEU A 141 7.09 -8.77 -4.40
CA LEU A 141 6.58 -7.70 -5.24
C LEU A 141 5.21 -8.20 -5.73
N PRO A 142 4.12 -7.61 -5.23
CA PRO A 142 2.81 -8.13 -5.60
C PRO A 142 2.29 -7.64 -6.91
N VAL A 143 1.51 -8.48 -7.59
CA VAL A 143 0.93 -8.17 -8.88
C VAL A 143 -0.50 -8.68 -8.85
N GLU A 144 -1.45 -7.78 -9.03
CA GLU A 144 -2.85 -8.17 -9.02
C GLU A 144 -3.18 -8.65 -10.40
N VAL A 145 -3.84 -9.80 -10.48
CA VAL A 145 -4.12 -10.49 -11.73
C VAL A 145 -5.54 -11.01 -11.77
N VAL A 146 -6.18 -11.00 -12.94
CA VAL A 146 -7.57 -11.47 -13.00
C VAL A 146 -7.63 -12.97 -12.77
N VAL A 147 -8.79 -13.45 -12.33
CA VAL A 147 -8.98 -14.86 -12.03
C VAL A 147 -8.87 -15.78 -13.25
N PHE A 148 -9.64 -15.50 -14.30
CA PHE A 148 -9.53 -16.31 -15.50
C PHE A 148 -8.07 -16.54 -15.90
N SER A 149 -7.69 -17.81 -16.03
CA SER A 149 -6.36 -18.22 -16.45
C SER A 149 -5.25 -17.63 -15.58
N GLY A 150 -5.53 -17.50 -14.30
CA GLY A 150 -4.55 -16.99 -13.35
C GLY A 150 -3.19 -17.68 -13.37
N SER A 151 -3.14 -19.01 -13.42
CA SER A 151 -1.86 -19.75 -13.40
C SER A 151 -1.01 -19.44 -14.59
N HIS A 152 -1.65 -19.35 -15.74
CA HIS A 152 -1.01 -18.99 -16.99
C HIS A 152 -0.46 -17.56 -16.87
N THR A 153 -1.23 -16.64 -16.30
CA THR A 153 -0.73 -15.29 -16.16
C THR A 153 0.49 -15.28 -15.20
N LYS A 154 0.47 -16.10 -14.17
CA LYS A 154 1.58 -16.22 -13.25
C LYS A 154 2.82 -16.70 -13.98
N ARG A 155 2.66 -17.72 -14.83
CA ARG A 155 3.79 -18.24 -15.60
C ARG A 155 4.36 -17.16 -16.50
N LEU A 156 3.49 -16.36 -17.11
CA LEU A 156 3.97 -15.31 -17.99
C LEU A 156 4.79 -14.32 -17.22
N LEU A 157 4.33 -13.96 -16.03
CA LEU A 157 5.07 -13.04 -15.18
C LEU A 157 6.47 -13.58 -14.90
N SER A 158 6.56 -14.87 -14.59
CA SER A 158 7.84 -15.54 -14.31
C SER A 158 8.83 -15.43 -15.43
N ALA A 159 8.33 -15.46 -16.66
CA ALA A 159 9.20 -15.47 -17.82
C ALA A 159 9.61 -14.12 -18.34
N LEU A 160 9.13 -13.03 -17.76
CA LEU A 160 9.55 -11.70 -18.24
C LEU A 160 11.06 -11.59 -18.12
N PRO A 161 11.72 -10.91 -19.07
CA PRO A 161 13.18 -10.83 -19.01
C PRO A 161 13.72 -10.25 -17.70
N SER A 162 13.14 -9.14 -17.25
CA SER A 162 13.61 -8.48 -16.05
C SER A 162 13.50 -9.39 -14.84
N VAL A 163 12.42 -10.16 -14.79
CA VAL A 163 12.15 -11.08 -13.70
C VAL A 163 13.12 -12.26 -13.72
N LYS A 164 13.39 -12.83 -14.90
CA LYS A 164 14.38 -13.92 -14.99
C LYS A 164 15.76 -13.39 -14.61
N ARG A 165 16.11 -12.21 -15.12
CA ARG A 165 17.41 -11.61 -14.83
C ARG A 165 17.71 -11.52 -13.36
N HIS A 166 16.70 -11.22 -12.54
CA HIS A 166 16.91 -11.06 -11.11
C HIS A 166 16.54 -12.31 -10.32
N GLY A 167 16.47 -13.46 -11.00
CA GLY A 167 16.17 -14.75 -10.36
C GLY A 167 14.80 -14.84 -9.73
N GLY A 168 13.80 -14.35 -10.45
CA GLY A 168 12.44 -14.33 -9.95
C GLY A 168 11.71 -15.66 -9.89
N ARG A 169 10.89 -15.78 -8.86
CA ARG A 169 10.07 -16.95 -8.63
C ARG A 169 8.67 -16.37 -8.39
N ALA A 170 7.63 -17.05 -8.85
CA ALA A 170 6.27 -16.55 -8.66
C ALA A 170 5.45 -17.51 -7.83
N GLU A 171 4.45 -16.96 -7.16
CA GLU A 171 3.67 -17.72 -6.23
C GLU A 171 2.43 -16.93 -5.91
N PHE A 172 1.30 -17.61 -5.73
CA PHE A 172 0.05 -16.92 -5.41
C PHE A 172 -0.05 -16.53 -3.94
N ARG A 173 -0.59 -15.36 -3.66
CA ARG A 173 -0.86 -14.97 -2.28
C ARG A 173 -1.90 -15.93 -1.75
N LYS A 174 -1.70 -16.44 -0.56
CA LYS A 174 -2.64 -17.37 0.09
C LYS A 174 -3.67 -16.59 0.90
N ARG A 175 -4.90 -17.09 1.01
CA ARG A 175 -5.86 -16.42 1.92
C ARG A 175 -5.46 -16.86 3.31
N ALA A 176 -5.90 -16.15 4.34
CA ALA A 176 -5.57 -16.60 5.70
C ALA A 176 -6.26 -17.96 5.90
N GLY A 177 -5.49 -19.03 6.03
CA GLY A 177 -6.04 -20.39 6.11
C GLY A 177 -4.95 -21.42 5.91
N ALA A 178 -5.32 -22.70 5.75
CA ALA A 178 -4.36 -23.83 5.64
C ALA A 178 -3.34 -23.76 4.47
N ALA A 179 -2.12 -24.28 4.74
CA ALA A 179 -0.97 -24.36 3.82
C ALA A 179 0.33 -24.04 4.57
N GLN A 187 3.17 -30.54 -8.61
CA GLN A 187 2.60 -29.30 -8.08
C GLN A 187 3.54 -28.08 -8.09
N GLU A 188 3.14 -27.05 -8.82
CA GLU A 188 3.89 -25.80 -8.87
C GLU A 188 2.97 -24.60 -8.56
N ASP A 189 1.66 -24.88 -8.38
CA ASP A 189 0.67 -23.85 -8.03
C ASP A 189 -0.20 -24.34 -6.88
N ILE A 190 -0.74 -23.43 -6.09
CA ILE A 190 -1.71 -23.81 -5.10
C ILE A 190 -3.11 -23.77 -5.70
N ARG A 191 -3.97 -24.50 -5.03
CA ARG A 191 -5.36 -24.73 -5.37
C ARG A 191 -6.17 -23.42 -5.28
N GLU A 192 -7.14 -23.24 -6.17
CA GLU A 192 -7.94 -22.02 -6.22
C GLU A 192 -8.64 -21.61 -4.93
N GLU A 193 -9.19 -22.55 -4.17
CA GLU A 193 -9.86 -22.20 -2.90
C GLU A 193 -8.90 -21.59 -1.85
N ASP A 194 -7.60 -21.82 -2.03
CA ASP A 194 -6.56 -21.31 -1.13
C ASP A 194 -5.95 -19.97 -1.56
N ARG A 195 -6.35 -19.47 -2.74
CA ARG A 195 -5.77 -18.25 -3.27
C ARG A 195 -6.49 -17.05 -2.75
N PHE A 196 -5.71 -16.08 -2.27
CA PHE A 196 -6.25 -14.81 -1.80
C PHE A 196 -7.01 -14.11 -2.91
N VAL A 197 -8.20 -13.61 -2.59
CA VAL A 197 -9.01 -12.83 -3.49
C VAL A 197 -9.10 -11.39 -2.98
N THR A 198 -8.73 -10.43 -3.81
CA THR A 198 -8.76 -9.04 -3.43
C THR A 198 -10.20 -8.52 -3.37
N ASP A 199 -10.40 -7.35 -2.79
CA ASP A 199 -11.70 -6.70 -2.76
C ASP A 199 -12.24 -6.50 -4.19
N ASN A 200 -11.39 -6.54 -5.21
CA ASN A 200 -11.85 -6.39 -6.57
C ASN A 200 -12.09 -7.72 -7.26
N GLY A 201 -12.08 -8.82 -6.50
CA GLY A 201 -12.34 -10.17 -7.06
C GLY A 201 -11.16 -10.78 -7.82
N ASN A 202 -9.96 -10.23 -7.62
CA ASN A 202 -8.78 -10.70 -8.32
C ASN A 202 -7.82 -11.50 -7.44
N TYR A 203 -6.94 -12.26 -8.08
CA TYR A 203 -5.90 -12.98 -7.36
C TYR A 203 -4.67 -12.08 -7.29
N ILE A 204 -3.67 -12.48 -6.48
CA ILE A 204 -2.42 -11.76 -6.40
C ILE A 204 -1.27 -12.71 -6.58
N VAL A 205 -0.38 -12.35 -7.49
CA VAL A 205 0.82 -13.10 -7.74
C VAL A 205 1.96 -12.35 -7.10
N ASP A 206 2.67 -13.01 -6.21
CA ASP A 206 3.81 -12.42 -5.55
C ASP A 206 5.08 -12.87 -6.23
N LEU A 207 5.93 -11.91 -6.57
CA LEU A 207 7.23 -12.22 -7.14
C LEU A 207 8.34 -12.11 -6.09
N TYR A 208 9.13 -13.16 -5.93
CA TYR A 208 10.29 -13.12 -5.03
C TYR A 208 11.54 -13.18 -5.87
N PHE A 209 12.59 -12.49 -5.44
CA PHE A 209 13.84 -12.44 -6.19
C PHE A 209 15.02 -12.86 -5.35
N THR A 210 16.03 -13.47 -5.98
CA THR A 210 17.27 -13.82 -5.27
C THR A 210 18.24 -12.64 -5.22
N GLU A 211 17.92 -11.58 -5.97
CA GLU A 211 18.73 -10.39 -6.05
C GLU A 211 17.90 -9.16 -6.03
N THR A 212 18.56 -8.05 -5.80
CA THR A 212 17.91 -6.78 -5.73
C THR A 212 17.55 -6.27 -7.10
N VAL A 213 16.36 -5.70 -7.21
CA VAL A 213 15.89 -5.13 -8.45
C VAL A 213 16.06 -3.64 -8.35
N PRO A 214 17.03 -3.10 -9.09
CA PRO A 214 17.26 -1.66 -9.02
C PRO A 214 16.45 -0.88 -10.03
N ASP A 215 16.20 -1.42 -11.24
CA ASP A 215 15.41 -0.66 -12.22
C ASP A 215 13.90 -0.97 -12.13
N LEU A 216 13.23 -0.14 -11.36
CA LEU A 216 11.84 -0.33 -11.06
C LEU A 216 10.94 0.01 -12.24
N HIS A 217 11.23 1.11 -12.92
CA HIS A 217 10.42 1.52 -14.08
C HIS A 217 10.46 0.51 -15.22
N GLU A 218 11.61 -0.10 -15.43
CA GLU A 218 11.75 -1.08 -16.47
C GLU A 218 10.86 -2.25 -16.14
N MSE A 219 10.94 -2.77 -14.92
CA MSE A 219 10.17 -3.96 -14.53
C MSE A 219 8.68 -3.71 -14.52
O MSE A 219 7.92 -4.54 -14.99
CB MSE A 219 10.55 -4.50 -13.19
CG MSE A 219 9.81 -5.82 -12.96
SE MSE A 219 10.66 -6.84 -11.50
CE MSE A 219 10.63 -5.49 -10.13
N ASP A 220 8.27 -2.55 -14.02
CA ASP A 220 6.87 -2.15 -13.98
C ASP A 220 6.28 -2.19 -15.40
N LYS A 221 6.98 -1.67 -16.41
CA LYS A 221 6.43 -1.74 -17.77
C LYS A 221 6.29 -3.18 -18.25
N GLU A 222 7.26 -4.02 -17.90
CA GLU A 222 7.18 -5.42 -18.33
C GLU A 222 6.00 -6.14 -17.65
N LEU A 223 5.83 -5.96 -16.35
CA LEU A 223 4.72 -6.59 -15.66
C LEU A 223 3.43 -6.15 -16.29
N LYS A 224 3.33 -4.88 -16.65
CA LYS A 224 2.11 -4.36 -17.25
C LYS A 224 1.88 -4.74 -18.68
N SER A 225 2.86 -5.30 -19.37
CA SER A 225 2.65 -5.68 -20.77
C SER A 225 1.83 -6.97 -20.92
N ILE A 226 1.51 -7.64 -19.82
CA ILE A 226 0.78 -8.89 -19.92
C ILE A 226 -0.70 -8.70 -19.74
N PRO A 227 -1.51 -9.11 -20.73
CA PRO A 227 -2.95 -8.99 -20.55
C PRO A 227 -3.38 -9.91 -19.43
N GLY A 228 -4.19 -9.37 -18.51
CA GLY A 228 -4.61 -10.12 -17.31
C GLY A 228 -4.02 -9.46 -16.07
N VAL A 229 -2.95 -8.69 -16.23
CA VAL A 229 -2.39 -7.97 -15.12
C VAL A 229 -3.25 -6.75 -14.89
N VAL A 230 -3.75 -6.61 -13.68
CA VAL A 230 -4.65 -5.51 -13.34
C VAL A 230 -3.88 -4.34 -12.76
N GLU A 231 -2.92 -4.63 -11.88
CA GLU A 231 -2.13 -3.61 -11.24
C GLU A 231 -0.88 -4.20 -10.57
N THR A 232 0.14 -3.38 -10.39
CA THR A 232 1.37 -3.82 -9.73
C THR A 232 1.62 -3.13 -8.41
N GLY A 233 2.48 -3.75 -7.63
CA GLY A 233 2.85 -3.20 -6.33
C GLY A 233 3.82 -2.05 -6.36
N PHE A 234 4.26 -1.65 -7.53
CA PHE A 234 5.16 -0.53 -7.65
C PHE A 234 4.42 0.78 -7.62
N PHE A 235 4.87 1.69 -6.76
CA PHE A 235 4.31 3.01 -6.68
C PHE A 235 5.43 3.95 -7.01
N LEU A 236 5.48 4.38 -8.27
CA LEU A 236 6.57 5.22 -8.72
C LEU A 236 6.15 6.64 -9.01
N ASP A 237 6.91 7.61 -8.50
CA ASP A 237 6.63 9.02 -8.73
C ASP A 237 5.27 9.39 -8.19
N LEU A 238 4.88 8.76 -7.09
CA LEU A 238 3.60 9.07 -6.44
C LEU A 238 3.83 9.63 -5.07
N ALA A 239 4.62 8.95 -4.25
CA ALA A 239 4.82 9.44 -2.88
C ALA A 239 5.40 10.83 -2.90
N SER A 240 4.77 11.78 -2.21
CA SER A 240 5.27 13.14 -2.16
C SER A 240 6.08 13.27 -0.89
N VAL A 241 5.68 12.54 0.15
CA VAL A 241 6.33 12.61 1.48
C VAL A 241 6.36 11.22 2.09
N CYS A 242 7.43 10.90 2.79
N CYS A 242 7.40 10.95 2.83
CA CYS A 242 7.54 9.60 3.47
CA CYS A 242 7.54 9.68 3.48
C CYS A 242 7.97 9.83 4.91
C CYS A 242 7.94 9.93 4.93
N LEU A 243 7.12 9.46 5.85
CA LEU A 243 7.38 9.65 7.25
C LEU A 243 7.97 8.37 7.79
N ILE A 244 9.01 8.46 8.61
CA ILE A 244 9.64 7.26 9.15
C ILE A 244 9.75 7.39 10.64
N GLY A 245 9.07 6.50 11.36
CA GLY A 245 9.06 6.57 12.79
C GLY A 245 9.92 5.55 13.48
N LYS A 246 10.31 5.88 14.71
CA LYS A 246 11.10 5.00 15.56
C LYS A 246 10.36 4.78 16.84
N ALA A 247 10.74 3.71 17.54
CA ALA A 247 10.14 3.39 18.84
C ALA A 247 10.18 4.57 19.86
N ASP A 248 11.22 5.40 19.81
CA ASP A 248 11.31 6.56 20.73
C ASP A 248 10.32 7.67 20.42
N GLY A 249 9.49 7.48 19.39
CA GLY A 249 8.47 8.47 19.04
C GLY A 249 8.89 9.54 18.02
N SER A 250 10.17 9.62 17.68
CA SER A 250 10.61 10.62 16.70
C SER A 250 10.27 10.19 15.29
N VAL A 251 10.23 11.18 14.41
CA VAL A 251 9.83 10.98 13.02
C VAL A 251 10.71 11.79 12.05
N ALA A 252 11.20 11.11 11.01
CA ALA A 252 12.00 11.73 9.93
C ALA A 252 11.10 11.90 8.73
N THR A 253 11.32 12.98 8.00
CA THR A 253 10.50 13.33 6.85
C THR A 253 11.31 13.33 5.57
N LEU A 254 10.94 12.49 4.63
CA LEU A 254 11.59 12.44 3.33
C LEU A 254 10.66 13.05 2.32
N THR A 255 11.19 13.92 1.49
CA THR A 255 10.38 14.64 0.52
C THR A 255 11.04 14.55 -0.84
N ALA A 256 10.21 14.41 -1.88
CA ALA A 256 10.67 14.39 -3.27
C ALA A 256 10.57 15.81 -3.82
N GLU A 257 11.58 16.21 -4.60
CA GLU A 257 11.69 17.57 -5.17
C GLU A 257 11.86 18.55 -3.99
CL CL B . -1.78 -3.61 0.86
CL CL C . 1.40 -20.80 -6.11
C1 MLT D . 3.39 -4.10 7.39
O1 MLT D . 3.89 -4.49 8.46
O2 MLT D . 4.06 -4.07 6.32
C2 MLT D . 1.94 -3.64 7.43
O3 MLT D . 0.96 -4.66 7.17
C3 MLT D . 1.72 -2.51 6.42
C4 MLT D . 2.16 -1.22 7.07
O4 MLT D . 2.45 -1.17 8.28
O5 MLT D . 2.22 -0.24 6.31
#